data_4E0Y
#
_entry.id   4E0Y
#
_cell.length_a   116.984
_cell.length_b   119.442
_cell.length_c   56.922
_cell.angle_alpha   90.00
_cell.angle_beta   112.42
_cell.angle_gamma   90.00
#
_symmetry.space_group_name_H-M   'C 1 2 1'
#
loop_
_entity.id
_entity.type
_entity.pdbx_description
1 polymer Protelomerase
2 polymer "DNA (5'-D(*CP*AP*TP*AP*AP*TP*AP*AP*CP*AP*AP*TP*AP*T)-3')"
3 polymer "DNA (5'-D(*CP*CP*AP*TP*GP*AP*TP*AP*TP*TP*GP*TP*TP*AP*TP*TP*AP*TP*G)-3')"
4 non-polymer GLYCEROL
5 non-polymer "THYMIDINE-5'-PHOSPHATE"
6 water water
#
loop_
_entity_poly.entity_id
_entity_poly.type
_entity_poly.pdbx_seq_one_letter_code
_entity_poly.pdbx_strand_id
1 'polypeptide(L)'
;MGSSHHHHHHSSGLVPRGSHMLAAKRKTKTPVLVERIDQFVGQIKEAMKSDDASRNRKIRDLWDAEVRYHFDNGRTEKTL
ELYIMKYRNALKAEFGPKSTPLAICNMKKLRERLNTYIARGDYPKTGVATSIVEKIERAEFNTAGRKPTVLLRIADFIAA
MNGMDAKQDMQALWDAEIAIMNGRAQTTIISYITKYRNAIREAFGDDHPMLKIATGDAAMYDEARRVKMEKIANKHGALI
TFENYRQVLKICEDCLKSSDPLMIGIGLIGMTGRRPYEVFTQAEFSPAPYGKGVSKWSILFNGQAKTKQGEGTKFGITYE
IPVLTRSETVLAAYKRLRESGQGKLWHGMSIDDFSSETRLLLRDTVFNLFEDVWPKEELPKPYGLRHLYAEVAYHNFAPP
HVTKNSYFAAILGHNNNDLETSLS(PTR)MTYTLPEDRDNALARLKRTNERTLQQMATIAPVSRKG
;
A
2 'polydeoxyribonucleotide' (DC)(DA)(DT)(DA)(DA)(DT)(DA)(DA)(DC)(DA)(DA)(DT)(DA)(DT) C
3 'polydeoxyribonucleotide' (DC)(DC)(DA)(DT)(DG)(DA)(DT)(DA)(DT)(DT)(DG)(DT)(DT)(DA)(DT)(DT)(DA)(DT)(DG) D
#
# COMPACT_ATOMS: atom_id res chain seq x y z
N TYR A 123 4.65 -29.03 20.24
CA TYR A 123 4.95 -27.81 19.49
C TYR A 123 6.27 -27.20 19.95
N PRO A 124 6.93 -26.43 19.05
CA PRO A 124 8.18 -25.74 19.37
C PRO A 124 8.09 -24.87 20.62
N LYS A 125 9.05 -25.02 21.52
CA LYS A 125 9.07 -24.25 22.76
C LYS A 125 10.10 -23.13 22.69
N THR A 126 10.98 -23.20 21.70
CA THR A 126 12.04 -22.21 21.54
C THR A 126 12.15 -21.72 20.10
N GLY A 127 12.62 -20.49 19.92
CA GLY A 127 12.73 -19.89 18.61
C GLY A 127 13.20 -18.45 18.67
N VAL A 128 13.55 -17.89 17.53
CA VAL A 128 14.07 -16.53 17.45
C VAL A 128 13.44 -15.75 16.30
N ALA A 129 12.98 -14.53 16.58
CA ALA A 129 12.43 -13.65 15.55
C ALA A 129 13.58 -12.91 14.89
N THR A 130 14.17 -13.54 13.89
CA THR A 130 15.42 -13.08 13.26
C THR A 130 15.36 -11.63 12.75
N SER A 131 14.28 -11.28 12.06
CA SER A 131 14.15 -9.94 11.49
C SER A 131 14.20 -8.85 12.56
N ILE A 132 13.50 -9.09 13.67
CA ILE A 132 13.49 -8.15 14.78
C ILE A 132 14.89 -7.97 15.37
N VAL A 133 15.57 -9.10 15.57
CA VAL A 133 16.92 -9.10 16.11
C VAL A 133 17.90 -8.37 15.20
N GLU A 134 17.71 -8.50 13.88
CA GLU A 134 18.56 -7.84 12.91
C GLU A 134 18.30 -6.33 12.85
N LYS A 135 17.03 -5.94 12.89
CA LYS A 135 16.67 -4.53 12.95
C LYS A 135 17.26 -3.90 14.21
N ILE A 136 17.18 -4.62 15.31
CA ILE A 136 17.69 -4.15 16.59
C ILE A 136 19.23 -4.03 16.60
N GLU A 137 19.87 -5.00 15.95
CA GLU A 137 21.33 -5.02 15.86
C GLU A 137 21.86 -3.89 14.99
N ARG A 138 21.23 -3.68 13.84
CA ARG A 138 21.64 -2.60 12.95
C ARG A 138 21.43 -1.23 13.58
N ALA A 139 20.49 -1.16 14.53
CA ALA A 139 20.17 0.10 15.20
C ALA A 139 21.12 0.40 16.35
N GLU A 140 22.06 -0.50 16.60
CA GLU A 140 23.05 -0.29 17.65
C GLU A 140 23.97 0.89 17.32
N PHE A 141 24.60 0.83 16.15
CA PHE A 141 25.48 1.91 15.72
C PHE A 141 24.78 2.97 14.88
N ASN A 142 23.77 3.62 15.46
CA ASN A 142 23.04 4.67 14.74
C ASN A 142 23.47 6.07 15.14
N THR A 143 23.77 6.88 14.13
CA THR A 143 24.23 8.25 14.31
C THR A 143 23.21 9.10 15.06
N ALA A 144 21.93 8.76 14.89
CA ALA A 144 20.84 9.45 15.57
C ALA A 144 19.56 8.65 15.47
N GLY A 145 18.48 9.17 16.04
CA GLY A 145 17.18 8.55 15.90
C GLY A 145 16.63 7.93 17.18
N ARG A 146 15.32 7.67 17.18
CA ARG A 146 14.63 7.07 18.30
C ARG A 146 15.25 5.75 18.72
N LYS A 147 15.05 5.37 19.98
CA LYS A 147 15.42 4.05 20.44
C LYS A 147 14.31 3.07 20.06
N PRO A 148 14.69 1.89 19.53
CA PRO A 148 13.73 0.90 19.04
C PRO A 148 13.03 0.17 20.18
N THR A 149 12.34 0.91 21.04
CA THR A 149 11.68 0.36 22.22
C THR A 149 10.70 -0.76 21.92
N VAL A 150 9.90 -0.58 20.86
CA VAL A 150 8.88 -1.56 20.51
C VAL A 150 9.49 -2.87 20.04
N LEU A 151 10.43 -2.78 19.10
CA LEU A 151 11.17 -3.93 18.61
C LEU A 151 11.86 -4.66 19.76
N LEU A 152 12.32 -3.88 20.74
CA LEU A 152 12.96 -4.43 21.93
C LEU A 152 11.97 -5.20 22.80
N ARG A 153 10.78 -4.65 23.00
CA ARG A 153 9.74 -5.32 23.77
C ARG A 153 9.33 -6.62 23.08
N ILE A 154 9.28 -6.60 21.76
CA ILE A 154 8.94 -7.79 20.97
C ILE A 154 10.04 -8.85 21.10
N ALA A 155 11.29 -8.42 21.02
CA ALA A 155 12.43 -9.34 21.16
C ALA A 155 12.46 -9.98 22.53
N ASP A 156 12.26 -9.17 23.57
CA ASP A 156 12.22 -9.66 24.94
C ASP A 156 11.02 -10.57 25.15
N PHE A 157 9.95 -10.30 24.40
CA PHE A 157 8.74 -11.11 24.44
C PHE A 157 9.03 -12.51 23.92
N ILE A 158 9.53 -12.58 22.70
CA ILE A 158 9.92 -13.85 22.08
C ILE A 158 10.95 -14.57 22.95
N ALA A 159 11.79 -13.78 23.63
CA ALA A 159 12.76 -14.34 24.55
C ALA A 159 12.08 -15.05 25.72
N ALA A 160 11.19 -14.34 26.40
CA ALA A 160 10.47 -14.89 27.55
C ALA A 160 9.64 -16.10 27.15
N MET A 161 9.15 -16.10 25.92
CA MET A 161 8.35 -17.22 25.41
C MET A 161 9.15 -18.53 25.36
N ASN A 162 10.46 -18.41 25.12
CA ASN A 162 11.33 -19.59 25.05
C ASN A 162 11.27 -20.42 26.33
N GLY A 163 10.71 -21.62 26.23
CA GLY A 163 10.59 -22.51 27.37
C GLY A 163 9.20 -22.57 27.97
N MET A 164 8.33 -21.66 27.54
CA MET A 164 6.97 -21.62 28.06
C MET A 164 6.12 -22.77 27.53
N ASP A 165 5.47 -23.48 28.45
CA ASP A 165 4.62 -24.61 28.09
C ASP A 165 3.27 -24.52 28.78
N ALA A 166 3.08 -23.45 29.55
CA ALA A 166 1.85 -23.24 30.28
C ALA A 166 1.04 -22.10 29.70
N LYS A 167 -0.23 -22.39 29.37
CA LYS A 167 -1.13 -21.40 28.80
C LYS A 167 -1.25 -20.13 29.64
N GLN A 168 -1.39 -20.31 30.94
CA GLN A 168 -1.57 -19.19 31.86
C GLN A 168 -0.36 -18.26 31.89
N ASP A 169 0.83 -18.84 31.78
CA ASP A 169 2.06 -18.05 31.72
C ASP A 169 2.05 -17.17 30.47
N MET A 170 1.80 -17.80 29.33
CA MET A 170 1.69 -17.09 28.06
C MET A 170 0.68 -15.96 28.16
N GLN A 171 -0.47 -16.27 28.75
CA GLN A 171 -1.53 -15.29 28.93
C GLN A 171 -1.09 -14.12 29.80
N ALA A 172 -0.29 -14.41 30.82
CA ALA A 172 0.21 -13.35 31.69
C ALA A 172 1.21 -12.46 30.96
N LEU A 173 2.07 -13.07 30.15
CA LEU A 173 3.03 -12.34 29.34
C LEU A 173 2.30 -11.39 28.40
N TRP A 174 1.36 -11.95 27.65
CA TRP A 174 0.55 -11.18 26.72
C TRP A 174 -0.20 -10.06 27.42
N ASP A 175 -0.75 -10.36 28.59
CA ASP A 175 -1.44 -9.37 29.40
C ASP A 175 -0.51 -8.22 29.74
N ALA A 176 0.72 -8.55 30.10
CA ALA A 176 1.72 -7.54 30.39
C ALA A 176 1.92 -6.64 29.17
N GLU A 177 2.14 -7.26 28.01
CA GLU A 177 2.34 -6.50 26.78
C GLU A 177 1.16 -5.60 26.41
N ILE A 178 -0.05 -6.09 26.65
CA ILE A 178 -1.26 -5.33 26.35
C ILE A 178 -1.38 -4.15 27.31
N ALA A 179 -1.00 -4.38 28.57
CA ALA A 179 -0.98 -3.31 29.55
C ALA A 179 0.00 -2.23 29.14
N ILE A 180 1.13 -2.65 28.57
CA ILE A 180 2.16 -1.70 28.12
C ILE A 180 1.64 -0.63 27.17
N MET A 181 1.21 -1.05 25.98
CA MET A 181 0.72 -0.12 24.96
C MET A 181 -0.69 0.36 25.29
N ASN A 182 -0.84 1.02 26.43
CA ASN A 182 -2.16 1.44 26.91
C ASN A 182 -2.59 2.80 26.38
N GLY A 183 -1.67 3.75 26.33
CA GLY A 183 -1.98 5.11 25.92
C GLY A 183 -1.83 5.33 24.43
N ARG A 184 -2.09 4.28 23.66
CA ARG A 184 -1.94 4.33 22.21
C ARG A 184 -3.29 4.44 21.51
N ALA A 185 -3.24 4.72 20.21
CA ALA A 185 -4.43 4.72 19.38
C ALA A 185 -4.79 3.28 19.06
N GLN A 186 -6.07 3.04 18.78
CA GLN A 186 -6.56 1.68 18.50
C GLN A 186 -5.90 1.10 17.27
N THR A 187 -5.76 1.93 16.23
CA THR A 187 -5.08 1.55 15.01
C THR A 187 -3.64 1.15 15.31
N THR A 188 -2.98 1.95 16.14
CA THR A 188 -1.61 1.68 16.57
C THR A 188 -1.51 0.33 17.28
N ILE A 189 -2.37 0.11 18.26
CA ILE A 189 -2.37 -1.13 19.02
C ILE A 189 -2.59 -2.32 18.11
N ILE A 190 -3.53 -2.20 17.19
CA ILE A 190 -3.80 -3.25 16.21
C ILE A 190 -2.56 -3.56 15.37
N SER A 191 -1.89 -2.51 14.91
CA SER A 191 -0.66 -2.67 14.14
C SER A 191 0.43 -3.40 14.94
N TYR A 192 0.63 -2.96 16.18
CA TYR A 192 1.62 -3.56 17.07
C TYR A 192 1.32 -5.03 17.32
N ILE A 193 0.04 -5.34 17.52
CA ILE A 193 -0.39 -6.72 17.68
C ILE A 193 -0.05 -7.51 16.41
N THR A 194 -0.18 -6.87 15.26
CA THR A 194 0.25 -7.52 14.02
C THR A 194 1.74 -7.84 14.06
N LYS A 195 2.54 -6.88 14.51
CA LYS A 195 3.98 -7.10 14.64
C LYS A 195 4.33 -8.26 15.58
N TYR A 196 3.74 -8.25 16.77
CA TYR A 196 3.90 -9.33 17.74
C TYR A 196 3.52 -10.69 17.14
N ARG A 197 2.38 -10.75 16.48
CA ARG A 197 1.90 -12.00 15.91
C ARG A 197 2.81 -12.52 14.80
N ASN A 198 3.29 -11.61 13.94
CA ASN A 198 4.24 -11.97 12.90
C ASN A 198 5.56 -12.46 13.48
N ALA A 199 5.97 -11.86 14.61
CA ALA A 199 7.19 -12.25 15.29
C ALA A 199 7.08 -13.63 15.91
N ILE A 200 5.96 -13.89 16.61
CA ILE A 200 5.68 -15.19 17.20
C ILE A 200 5.64 -16.24 16.11
N ARG A 201 4.97 -15.92 15.01
CA ARG A 201 4.84 -16.83 13.89
C ARG A 201 6.19 -17.14 13.25
N GLU A 202 7.06 -16.13 13.18
CA GLU A 202 8.39 -16.32 12.61
C GLU A 202 9.29 -17.16 13.53
N ALA A 203 9.11 -16.97 14.83
CA ALA A 203 9.94 -17.66 15.82
C ALA A 203 9.56 -19.12 16.07
N PHE A 204 8.27 -19.38 16.25
CA PHE A 204 7.81 -20.71 16.68
C PHE A 204 6.93 -21.43 15.66
N GLY A 205 6.50 -20.73 14.62
CA GLY A 205 5.68 -21.34 13.59
C GLY A 205 4.20 -21.09 13.76
N ASP A 206 3.40 -21.65 12.86
CA ASP A 206 1.97 -21.38 12.80
C ASP A 206 1.17 -22.12 13.86
N ASP A 207 1.77 -23.13 14.49
CA ASP A 207 1.01 -24.02 15.37
C ASP A 207 1.23 -23.74 16.85
N HIS A 208 1.73 -22.56 17.17
CA HIS A 208 2.01 -22.23 18.56
C HIS A 208 0.79 -21.63 19.25
N PRO A 209 0.46 -22.13 20.45
CA PRO A 209 -0.72 -21.74 21.22
C PRO A 209 -0.81 -20.25 21.50
N MET A 210 0.34 -19.57 21.51
CA MET A 210 0.38 -18.15 21.78
CA MET A 210 0.38 -18.14 21.77
C MET A 210 -0.39 -17.37 20.71
N LEU A 211 -0.48 -17.94 19.52
CA LEU A 211 -1.20 -17.32 18.41
C LEU A 211 -2.69 -17.24 18.68
N LYS A 212 -3.15 -18.02 19.66
CA LYS A 212 -4.54 -18.00 20.08
C LYS A 212 -4.74 -16.99 21.20
N ILE A 213 -3.64 -16.62 21.86
CA ILE A 213 -3.69 -15.67 22.96
C ILE A 213 -3.30 -14.28 22.51
N ALA A 214 -2.19 -14.18 21.79
CA ALA A 214 -1.71 -12.90 21.30
C ALA A 214 -2.64 -12.35 20.23
N THR A 215 -3.72 -11.72 20.66
CA THR A 215 -4.67 -11.11 19.75
C THR A 215 -5.44 -10.00 20.48
N GLY A 216 -6.07 -9.12 19.71
CA GLY A 216 -6.84 -8.05 20.31
C GLY A 216 -8.26 -8.49 20.58
N ASP A 217 -8.99 -7.67 21.32
CA ASP A 217 -10.42 -7.88 21.53
C ASP A 217 -11.11 -7.92 20.17
N ALA A 218 -12.16 -8.73 20.07
CA ALA A 218 -12.98 -8.72 18.87
C ALA A 218 -13.62 -7.34 18.75
N ALA A 219 -13.88 -6.73 19.90
CA ALA A 219 -14.47 -5.39 19.96
C ALA A 219 -13.58 -4.34 19.30
N MET A 220 -12.27 -4.48 19.46
CA MET A 220 -11.32 -3.55 18.86
C MET A 220 -11.41 -3.59 17.34
N TYR A 221 -11.38 -4.79 16.79
CA TYR A 221 -11.48 -4.97 15.35
C TYR A 221 -12.82 -4.50 14.82
N ASP A 222 -13.90 -4.83 15.53
CA ASP A 222 -15.23 -4.38 15.15
C ASP A 222 -15.31 -2.87 15.11
N GLU A 223 -14.71 -2.22 16.10
CA GLU A 223 -14.70 -0.77 16.15
C GLU A 223 -13.89 -0.18 14.99
N ALA A 224 -12.75 -0.81 14.69
CA ALA A 224 -11.94 -0.38 13.56
C ALA A 224 -12.76 -0.42 12.27
N ARG A 225 -13.45 -1.54 12.06
CA ARG A 225 -14.32 -1.71 10.91
C ARG A 225 -15.38 -0.61 10.86
N ARG A 226 -16.01 -0.37 12.02
CA ARG A 226 -17.05 0.64 12.15
C ARG A 226 -16.55 2.00 11.70
N VAL A 227 -15.47 2.45 12.32
CA VAL A 227 -14.85 3.73 12.00
C VAL A 227 -14.51 3.82 10.52
N LYS A 228 -13.90 2.77 9.98
CA LYS A 228 -13.54 2.73 8.56
C LYS A 228 -14.76 2.98 7.68
N MET A 229 -15.83 2.25 7.93
CA MET A 229 -17.07 2.41 7.16
CA MET A 229 -17.06 2.40 7.17
C MET A 229 -17.64 3.81 7.29
N GLU A 230 -17.61 4.36 8.50
CA GLU A 230 -18.12 5.72 8.72
C GLU A 230 -17.35 6.73 7.87
N LYS A 231 -16.02 6.60 7.89
CA LYS A 231 -15.15 7.47 7.10
C LYS A 231 -15.45 7.37 5.61
N ILE A 232 -15.44 6.14 5.10
CA ILE A 232 -15.68 5.88 3.68
C ILE A 232 -17.03 6.44 3.23
N ALA A 233 -18.06 6.23 4.04
CA ALA A 233 -19.39 6.72 3.72
C ALA A 233 -19.44 8.24 3.74
N ASN A 234 -18.74 8.83 4.70
CA ASN A 234 -18.61 10.29 4.74
C ASN A 234 -17.99 10.82 3.46
N LYS A 235 -16.96 10.13 2.97
CA LYS A 235 -16.30 10.52 1.73
C LYS A 235 -17.21 10.36 0.51
N HIS A 236 -17.99 9.29 0.50
CA HIS A 236 -18.95 9.07 -0.58
C HIS A 236 -20.07 10.10 -0.55
N GLY A 237 -20.34 10.65 0.63
CA GLY A 237 -21.37 11.67 0.77
C GLY A 237 -20.92 13.04 0.31
N ALA A 238 -19.62 13.28 0.40
CA ALA A 238 -19.06 14.58 0.04
C ALA A 238 -17.73 14.44 -0.72
N LEU A 239 -17.81 14.18 -2.02
CA LEU A 239 -16.62 14.01 -2.83
C LEU A 239 -15.85 15.31 -2.95
N ILE A 240 -14.56 15.19 -3.31
CA ILE A 240 -13.70 16.34 -3.54
C ILE A 240 -13.53 16.55 -5.04
N THR A 241 -13.92 17.71 -5.52
CA THR A 241 -13.79 18.00 -6.94
C THR A 241 -12.34 18.27 -7.32
N PHE A 242 -11.76 17.38 -8.10
CA PHE A 242 -10.36 17.51 -8.51
C PHE A 242 -10.25 18.48 -9.69
N GLU A 243 -10.31 19.77 -9.37
CA GLU A 243 -10.37 20.83 -10.38
C GLU A 243 -9.22 20.78 -11.38
N ASN A 244 -8.00 20.71 -10.87
CA ASN A 244 -6.81 20.82 -11.69
C ASN A 244 -6.17 19.48 -12.01
N TYR A 245 -6.99 18.45 -12.24
CA TYR A 245 -6.46 17.08 -12.37
C TYR A 245 -5.56 16.88 -13.60
N ARG A 246 -5.92 17.52 -14.71
CA ARG A 246 -5.14 17.41 -15.95
C ARG A 246 -3.72 17.93 -15.75
N GLN A 247 -3.59 18.97 -14.93
CA GLN A 247 -2.30 19.54 -14.61
C GLN A 247 -1.44 18.53 -13.84
N VAL A 248 -2.06 17.87 -12.88
CA VAL A 248 -1.39 16.83 -12.09
C VAL A 248 -0.92 15.68 -12.97
N LEU A 249 -1.83 15.19 -13.80
CA LEU A 249 -1.52 14.12 -14.75
C LEU A 249 -0.35 14.54 -15.66
N LYS A 250 -0.37 15.79 -16.08
CA LYS A 250 0.68 16.33 -16.94
C LYS A 250 2.03 16.31 -16.23
N ILE A 251 2.03 16.78 -14.98
CA ILE A 251 3.23 16.72 -14.15
C ILE A 251 3.77 15.29 -14.08
N CYS A 252 2.87 14.35 -13.77
CA CYS A 252 3.24 12.95 -13.69
C CYS A 252 3.82 12.43 -15.01
N GLU A 253 3.32 12.95 -16.13
CA GLU A 253 3.82 12.55 -17.45
C GLU A 253 5.22 13.11 -17.69
N ASP A 254 5.44 14.34 -17.25
CA ASP A 254 6.73 14.98 -17.37
C ASP A 254 7.76 14.26 -16.51
N CYS A 255 7.30 13.68 -15.41
N CYS A 255 7.31 13.68 -15.41
CA CYS A 255 8.17 12.92 -14.52
CA CYS A 255 8.18 12.92 -14.52
C CYS A 255 8.70 11.65 -15.17
C CYS A 255 8.71 11.66 -15.18
N LEU A 256 7.98 11.17 -16.19
CA LEU A 256 8.42 9.98 -16.92
C LEU A 256 9.67 10.29 -17.72
N LYS A 257 9.87 11.56 -18.05
CA LYS A 257 11.05 11.98 -18.80
C LYS A 257 12.18 12.44 -17.89
N SER A 258 11.88 12.63 -16.61
CA SER A 258 12.88 13.06 -15.64
C SER A 258 13.97 12.01 -15.48
N SER A 259 15.12 12.42 -14.96
N SER A 259 15.12 12.42 -14.95
CA SER A 259 16.27 11.53 -14.82
CA SER A 259 16.26 11.52 -14.83
C SER A 259 16.42 11.01 -13.39
C SER A 259 16.41 10.99 -13.40
N ASP A 260 15.80 11.69 -12.44
CA ASP A 260 15.81 11.25 -11.06
C ASP A 260 14.79 10.12 -10.89
N PRO A 261 15.26 8.91 -10.58
CA PRO A 261 14.40 7.72 -10.52
C PRO A 261 13.24 7.85 -9.53
N LEU A 262 13.40 8.72 -8.54
CA LEU A 262 12.31 9.06 -7.63
C LEU A 262 11.19 9.69 -8.44
N MET A 263 11.56 10.63 -9.31
CA MET A 263 10.60 11.32 -10.17
C MET A 263 9.94 10.37 -11.16
N ILE A 264 10.74 9.54 -11.84
CA ILE A 264 10.21 8.53 -12.74
C ILE A 264 9.20 7.67 -11.99
N GLY A 265 9.53 7.36 -10.75
CA GLY A 265 8.66 6.58 -9.89
C GLY A 265 7.32 7.24 -9.65
N ILE A 266 7.36 8.48 -9.17
CA ILE A 266 6.13 9.25 -8.95
C ILE A 266 5.28 9.29 -10.21
N GLY A 267 5.92 9.61 -11.33
CA GLY A 267 5.24 9.65 -12.61
C GLY A 267 4.55 8.33 -12.93
N LEU A 268 5.23 7.22 -12.65
CA LEU A 268 4.65 5.91 -12.91
C LEU A 268 3.50 5.59 -11.96
N ILE A 269 3.56 6.16 -10.76
CA ILE A 269 2.45 6.02 -9.82
C ILE A 269 1.23 6.75 -10.38
N GLY A 270 1.44 7.98 -10.84
CA GLY A 270 0.37 8.77 -11.40
C GLY A 270 -0.21 8.17 -12.67
N MET A 271 0.64 7.54 -13.47
CA MET A 271 0.26 7.06 -14.80
C MET A 271 -0.22 5.62 -14.82
N THR A 272 0.10 4.85 -13.79
CA THR A 272 -0.28 3.44 -13.76
C THR A 272 -1.14 3.08 -12.55
N GLY A 273 -1.14 3.95 -11.55
CA GLY A 273 -1.92 3.73 -10.35
C GLY A 273 -1.44 2.52 -9.56
N ARG A 274 -0.16 2.21 -9.69
CA ARG A 274 0.44 1.16 -8.89
C ARG A 274 0.88 1.75 -7.56
N ARG A 275 0.83 0.95 -6.51
CA ARG A 275 1.31 1.38 -5.20
C ARG A 275 2.80 1.71 -5.29
N PRO A 276 3.25 2.66 -4.48
CA PRO A 276 4.68 3.02 -4.37
C PRO A 276 5.59 1.80 -4.24
N TYR A 277 5.33 0.94 -3.26
CA TYR A 277 6.10 -0.27 -3.04
C TYR A 277 6.17 -1.11 -4.32
N GLU A 278 5.02 -1.24 -4.97
CA GLU A 278 4.92 -1.97 -6.23
C GLU A 278 5.80 -1.34 -7.31
N VAL A 279 5.59 -0.03 -7.53
CA VAL A 279 6.32 0.71 -8.55
C VAL A 279 7.84 0.59 -8.38
N PHE A 280 8.32 0.95 -7.20
CA PHE A 280 9.76 1.02 -6.95
C PHE A 280 10.43 -0.34 -6.79
N THR A 281 9.79 -1.26 -6.07
CA THR A 281 10.48 -2.46 -5.63
C THR A 281 10.21 -3.76 -6.38
N GLN A 282 9.06 -3.90 -7.03
CA GLN A 282 8.72 -5.22 -7.55
C GLN A 282 7.82 -5.29 -8.79
N ALA A 283 7.48 -4.15 -9.38
CA ALA A 283 6.58 -4.16 -10.53
C ALA A 283 7.24 -4.70 -11.79
N GLU A 284 6.54 -5.63 -12.46
CA GLU A 284 6.94 -6.11 -13.77
C GLU A 284 5.96 -5.58 -14.80
N PHE A 285 6.40 -4.60 -15.58
CA PHE A 285 5.58 -4.08 -16.67
C PHE A 285 6.04 -4.68 -17.98
N SER A 286 5.07 -5.08 -18.80
CA SER A 286 5.36 -5.54 -20.16
C SER A 286 4.31 -4.97 -21.10
N PRO A 287 4.57 -4.99 -22.42
CA PRO A 287 3.55 -4.47 -23.33
C PRO A 287 2.28 -5.32 -23.34
N ALA A 288 1.13 -4.69 -23.55
CA ALA A 288 -0.12 -5.39 -23.70
C ALA A 288 -0.47 -5.52 -25.18
N PRO A 289 -0.60 -6.77 -25.65
CA PRO A 289 -0.89 -7.03 -27.06
C PRO A 289 -2.33 -6.69 -27.43
N TYR A 290 -2.52 -5.75 -28.34
CA TYR A 290 -3.86 -5.47 -28.84
C TYR A 290 -4.03 -6.00 -30.25
N GLY A 291 -5.05 -6.84 -30.42
CA GLY A 291 -5.28 -7.48 -31.70
C GLY A 291 -4.09 -8.33 -32.06
N LYS A 292 -3.24 -7.79 -32.94
CA LYS A 292 -2.00 -8.47 -33.32
C LYS A 292 -0.84 -7.48 -33.30
N GLY A 293 -1.07 -6.34 -32.66
CA GLY A 293 -0.02 -5.34 -32.47
C GLY A 293 0.24 -5.18 -30.99
N VAL A 294 0.35 -3.93 -30.55
CA VAL A 294 0.43 -3.63 -29.12
C VAL A 294 -0.58 -2.55 -28.73
N SER A 295 -1.08 -2.65 -27.51
CA SER A 295 -2.04 -1.67 -26.99
C SER A 295 -1.38 -0.33 -26.74
N LYS A 296 -2.08 0.75 -27.07
CA LYS A 296 -1.56 2.10 -26.89
C LYS A 296 -1.82 2.60 -25.48
N TRP A 297 -2.88 2.07 -24.86
CA TRP A 297 -3.37 2.62 -23.60
C TRP A 297 -3.45 1.62 -22.45
N SER A 298 -2.82 0.46 -22.61
CA SER A 298 -2.79 -0.52 -21.54
C SER A 298 -1.50 -1.33 -21.55
N ILE A 299 -1.08 -1.77 -20.37
CA ILE A 299 0.11 -2.61 -20.24
C ILE A 299 -0.18 -3.79 -19.34
N LEU A 300 0.80 -4.65 -19.18
CA LEU A 300 0.67 -5.84 -18.34
C LEU A 300 1.48 -5.68 -17.08
N PHE A 301 0.78 -5.70 -15.95
CA PHE A 301 1.40 -5.51 -14.65
C PHE A 301 1.44 -6.82 -13.89
N ASN A 302 2.60 -7.10 -13.31
CA ASN A 302 2.75 -8.27 -12.45
C ASN A 302 3.47 -7.86 -11.18
N GLY A 303 3.16 -8.53 -10.08
CA GLY A 303 3.76 -8.20 -8.80
C GLY A 303 2.84 -7.34 -7.96
N GLN A 304 1.58 -7.75 -7.89
CA GLN A 304 0.60 -7.09 -7.04
C GLN A 304 0.95 -7.31 -5.58
N ALA A 305 0.90 -6.23 -4.79
CA ALA A 305 1.23 -6.31 -3.37
C ALA A 305 -0.02 -6.52 -2.51
N LYS A 306 0.18 -6.60 -1.20
CA LYS A 306 -0.90 -6.76 -0.24
C LYS A 306 -1.82 -7.92 -0.57
N THR A 307 -1.25 -8.98 -1.13
CA THR A 307 -2.04 -10.16 -1.48
C THR A 307 -1.28 -11.46 -1.21
N LYS A 308 -1.95 -12.40 -0.56
CA LYS A 308 -1.41 -13.72 -0.33
C LYS A 308 -1.84 -14.62 -1.48
N GLN A 309 -1.13 -15.73 -1.67
CA GLN A 309 -1.52 -16.69 -2.68
C GLN A 309 -2.91 -17.22 -2.36
N GLY A 310 -3.74 -17.34 -3.38
CA GLY A 310 -5.11 -17.78 -3.19
C GLY A 310 -5.84 -17.96 -4.50
N GLU A 311 -7.11 -18.34 -4.40
CA GLU A 311 -7.90 -18.70 -5.57
C GLU A 311 -8.30 -17.49 -6.40
N GLY A 312 -8.83 -16.46 -5.74
CA GLY A 312 -9.32 -15.29 -6.45
C GLY A 312 -8.42 -14.07 -6.33
N THR A 313 -7.14 -14.29 -6.04
CA THR A 313 -6.21 -13.18 -5.84
C THR A 313 -5.32 -12.95 -7.05
N LYS A 314 -4.75 -11.75 -7.14
CA LYS A 314 -3.88 -11.39 -8.25
C LYS A 314 -2.41 -11.66 -7.93
N PHE A 315 -2.18 -12.47 -6.91
CA PHE A 315 -0.82 -12.83 -6.50
C PHE A 315 -0.12 -13.64 -7.59
N GLY A 316 1.00 -13.13 -8.07
CA GLY A 316 1.75 -13.79 -9.13
C GLY A 316 1.01 -13.79 -10.45
N ILE A 317 -0.08 -13.03 -10.51
CA ILE A 317 -0.90 -12.95 -11.70
C ILE A 317 -0.54 -11.72 -12.53
N THR A 318 -0.20 -11.95 -13.79
CA THR A 318 0.03 -10.84 -14.72
C THR A 318 -1.31 -10.43 -15.33
N TYR A 319 -1.70 -9.18 -15.11
CA TYR A 319 -2.98 -8.71 -15.64
C TYR A 319 -2.88 -7.34 -16.29
N GLU A 320 -3.79 -7.10 -17.22
CA GLU A 320 -3.79 -5.89 -18.02
C GLU A 320 -4.39 -4.72 -17.27
N ILE A 321 -3.62 -3.65 -17.11
CA ILE A 321 -4.11 -2.41 -16.50
C ILE A 321 -4.02 -1.29 -17.52
N PRO A 322 -4.91 -0.31 -17.43
CA PRO A 322 -4.84 0.86 -18.31
C PRO A 322 -3.77 1.83 -17.83
N VAL A 323 -3.25 2.64 -18.76
CA VAL A 323 -2.30 3.70 -18.41
C VAL A 323 -2.81 5.02 -18.96
N LEU A 324 -2.34 6.12 -18.39
CA LEU A 324 -2.87 7.43 -18.70
C LEU A 324 -1.99 8.19 -19.68
N THR A 325 -1.05 7.47 -20.30
CA THR A 325 -0.28 7.97 -21.42
C THR A 325 0.03 6.80 -22.35
N ARG A 326 0.85 7.02 -23.37
CA ARG A 326 1.22 5.97 -24.29
C ARG A 326 1.94 4.85 -23.54
N SER A 327 1.74 3.61 -23.98
CA SER A 327 2.39 2.47 -23.35
C SER A 327 3.90 2.59 -23.47
N GLU A 328 4.37 2.88 -24.67
CA GLU A 328 5.80 3.00 -24.97
C GLU A 328 6.51 3.92 -23.99
N THR A 329 5.91 5.08 -23.71
CA THR A 329 6.44 6.04 -22.76
C THR A 329 6.65 5.42 -21.38
N VAL A 330 5.56 4.90 -20.82
CA VAL A 330 5.58 4.26 -19.50
C VAL A 330 6.62 3.15 -19.41
N LEU A 331 6.67 2.30 -20.42
CA LEU A 331 7.60 1.19 -20.46
C LEU A 331 9.05 1.69 -20.51
N ALA A 332 9.29 2.73 -21.30
CA ALA A 332 10.63 3.31 -21.41
C ALA A 332 11.08 3.87 -20.06
N ALA A 333 10.24 4.72 -19.48
CA ALA A 333 10.52 5.33 -18.18
C ALA A 333 10.79 4.26 -17.12
N TYR A 334 9.93 3.24 -17.09
CA TYR A 334 10.06 2.14 -16.14
C TYR A 334 11.39 1.40 -16.35
N LYS A 335 11.77 1.20 -17.60
CA LYS A 335 13.03 0.54 -17.91
C LYS A 335 14.21 1.35 -17.39
N ARG A 336 14.15 2.66 -17.62
CA ARG A 336 15.18 3.58 -17.13
C ARG A 336 15.31 3.53 -15.61
N LEU A 337 14.20 3.74 -14.91
CA LEU A 337 14.16 3.68 -13.45
C LEU A 337 14.69 2.35 -12.94
N ARG A 338 14.32 1.27 -13.63
CA ARG A 338 14.70 -0.06 -13.21
C ARG A 338 16.18 -0.32 -13.42
N GLU A 339 16.77 0.36 -14.41
CA GLU A 339 18.19 0.19 -14.70
C GLU A 339 19.08 1.18 -13.94
N SER A 340 18.46 2.15 -13.28
CA SER A 340 19.20 3.07 -12.44
C SER A 340 19.81 2.34 -11.26
N GLY A 341 20.91 2.87 -10.71
CA GLY A 341 21.55 2.27 -9.56
C GLY A 341 20.62 2.22 -8.37
N GLN A 342 19.93 3.33 -8.14
CA GLN A 342 18.94 3.42 -7.08
C GLN A 342 17.79 2.47 -7.34
N GLY A 343 17.43 2.30 -8.61
CA GLY A 343 16.40 1.37 -8.99
C GLY A 343 16.82 -0.07 -8.76
N LYS A 344 18.12 -0.32 -8.88
CA LYS A 344 18.67 -1.64 -8.62
C LYS A 344 18.74 -1.90 -7.12
N LEU A 345 18.92 -0.82 -6.36
CA LEU A 345 18.88 -0.90 -4.91
C LEU A 345 17.46 -1.21 -4.43
N TRP A 346 16.49 -0.58 -5.05
CA TRP A 346 15.08 -0.74 -4.70
C TRP A 346 14.55 -2.14 -5.00
N HIS A 347 15.06 -2.75 -6.07
CA HIS A 347 14.53 -4.01 -6.57
C HIS A 347 14.61 -5.14 -5.56
N GLY A 348 13.45 -5.66 -5.17
CA GLY A 348 13.37 -6.80 -4.28
C GLY A 348 13.42 -6.43 -2.81
N MET A 349 13.31 -5.15 -2.51
CA MET A 349 13.38 -4.69 -1.13
C MET A 349 12.17 -5.13 -0.33
N SER A 350 12.37 -5.30 0.98
CA SER A 350 11.25 -5.56 1.88
C SER A 350 10.48 -4.26 2.04
N ILE A 351 9.30 -4.34 2.67
CA ILE A 351 8.49 -3.14 2.85
C ILE A 351 9.09 -2.17 3.87
N ASP A 352 9.66 -2.71 4.94
CA ASP A 352 10.30 -1.89 5.96
C ASP A 352 11.52 -1.17 5.39
N ASP A 353 12.36 -1.91 4.68
CA ASP A 353 13.54 -1.33 4.05
C ASP A 353 13.15 -0.18 3.12
N PHE A 354 12.15 -0.43 2.27
CA PHE A 354 11.66 0.60 1.36
C PHE A 354 11.12 1.83 2.09
N SER A 355 10.34 1.59 3.13
CA SER A 355 9.77 2.67 3.92
C SER A 355 10.87 3.54 4.51
N SER A 356 11.79 2.93 5.27
CA SER A 356 12.88 3.67 5.89
C SER A 356 13.78 4.34 4.87
N GLU A 357 13.89 3.75 3.68
CA GLU A 357 14.79 4.25 2.64
C GLU A 357 14.21 5.44 1.89
N THR A 358 12.90 5.45 1.68
CA THR A 358 12.32 6.34 0.68
C THR A 358 11.04 7.09 1.09
N ARG A 359 10.32 6.59 2.08
CA ARG A 359 9.00 7.15 2.42
C ARG A 359 8.96 8.66 2.62
N LEU A 360 9.89 9.19 3.42
CA LEU A 360 9.91 10.62 3.73
C LEU A 360 10.31 11.47 2.54
N LEU A 361 11.27 10.99 1.76
CA LEU A 361 11.72 11.70 0.57
C LEU A 361 10.60 11.78 -0.45
N LEU A 362 9.91 10.65 -0.64
CA LEU A 362 8.78 10.56 -1.57
C LEU A 362 7.66 11.47 -1.11
N ARG A 363 7.39 11.47 0.20
CA ARG A 363 6.34 12.29 0.79
C ARG A 363 6.61 13.78 0.61
N ASP A 364 7.85 14.19 0.91
CA ASP A 364 8.24 15.58 0.80
C ASP A 364 8.23 16.03 -0.66
N THR A 365 8.70 15.15 -1.55
CA THR A 365 8.74 15.45 -2.97
C THR A 365 7.34 15.62 -3.54
N VAL A 366 6.44 14.68 -3.24
CA VAL A 366 5.06 14.76 -3.71
C VAL A 366 4.37 15.98 -3.12
N PHE A 367 4.68 16.29 -1.87
CA PHE A 367 4.28 17.55 -1.26
C PHE A 367 4.70 18.72 -2.15
N ASN A 368 5.95 18.71 -2.59
CA ASN A 368 6.48 19.82 -3.39
C ASN A 368 5.87 19.95 -4.79
N LEU A 369 5.73 18.83 -5.48
CA LEU A 369 5.30 18.83 -6.87
C LEU A 369 3.87 19.32 -7.09
N PHE A 370 2.95 18.92 -6.21
CA PHE A 370 1.53 19.11 -6.45
C PHE A 370 0.89 20.13 -5.51
N GLU A 371 1.71 20.75 -4.66
CA GLU A 371 1.26 21.73 -3.67
C GLU A 371 0.34 22.81 -4.22
N ASP A 372 0.68 23.35 -5.39
CA ASP A 372 -0.08 24.45 -5.97
C ASP A 372 -1.39 24.03 -6.63
N VAL A 373 -1.42 22.82 -7.17
CA VAL A 373 -2.54 22.39 -8.01
C VAL A 373 -3.41 21.29 -7.42
N TRP A 374 -3.13 20.91 -6.18
CA TRP A 374 -3.91 19.86 -5.52
C TRP A 374 -5.18 20.46 -4.91
N PRO A 375 -6.28 19.67 -4.89
CA PRO A 375 -7.53 20.09 -4.25
C PRO A 375 -7.29 20.57 -2.83
N LYS A 376 -7.89 21.71 -2.51
CA LYS A 376 -7.59 22.44 -1.28
C LYS A 376 -8.09 21.74 -0.02
N GLU A 377 -8.94 20.73 -0.20
CA GLU A 377 -9.52 20.03 0.94
C GLU A 377 -8.56 19.02 1.56
N GLU A 378 -7.45 18.77 0.89
CA GLU A 378 -6.51 17.75 1.35
C GLU A 378 -5.08 18.00 0.88
N LEU A 379 -4.12 17.38 1.56
CA LEU A 379 -2.72 17.47 1.18
C LEU A 379 -2.38 16.49 0.06
N PRO A 380 -1.41 16.83 -0.78
CA PRO A 380 -0.96 15.92 -1.82
C PRO A 380 -0.26 14.70 -1.24
N LYS A 381 -0.85 13.53 -1.46
CA LYS A 381 -0.24 12.28 -1.03
C LYS A 381 -0.10 11.31 -2.20
N PRO A 382 1.00 10.53 -2.20
CA PRO A 382 1.31 9.53 -3.22
C PRO A 382 0.13 8.64 -3.64
N TYR A 383 -0.65 8.17 -2.68
CA TYR A 383 -1.79 7.29 -2.95
C TYR A 383 -2.93 8.02 -3.64
N GLY A 384 -2.94 9.34 -3.48
CA GLY A 384 -3.93 10.19 -4.14
C GLY A 384 -3.82 10.02 -5.63
N LEU A 385 -2.60 9.71 -6.08
CA LEU A 385 -2.36 9.45 -7.50
C LEU A 385 -3.02 8.14 -7.91
N ARG A 386 -3.15 7.20 -6.97
CA ARG A 386 -3.80 5.93 -7.25
C ARG A 386 -5.31 6.12 -7.31
N HIS A 387 -5.85 6.85 -6.33
CA HIS A 387 -7.26 7.22 -6.34
C HIS A 387 -7.63 7.89 -7.66
N LEU A 388 -6.92 8.98 -7.95
CA LEU A 388 -7.15 9.78 -9.15
C LEU A 388 -6.95 8.94 -10.42
N TYR A 389 -5.98 8.03 -10.38
CA TYR A 389 -5.76 7.11 -11.48
C TYR A 389 -7.01 6.27 -11.73
N ALA A 390 -7.58 5.71 -10.67
CA ALA A 390 -8.80 4.92 -10.81
C ALA A 390 -9.93 5.76 -11.40
N GLU A 391 -10.12 6.94 -10.84
CA GLU A 391 -11.18 7.84 -11.30
C GLU A 391 -11.07 8.17 -12.80
N VAL A 392 -9.88 8.58 -13.23
CA VAL A 392 -9.62 8.98 -14.61
C VAL A 392 -9.70 7.80 -15.57
N ALA A 393 -9.08 6.69 -15.18
CA ALA A 393 -9.11 5.46 -15.97
C ALA A 393 -10.53 4.99 -16.20
N TYR A 394 -11.38 5.11 -15.17
CA TYR A 394 -12.79 4.80 -15.33
C TYR A 394 -13.43 5.80 -16.29
N HIS A 395 -13.09 7.06 -16.10
CA HIS A 395 -13.69 8.13 -16.91
C HIS A 395 -13.33 8.01 -18.39
N ASN A 396 -12.27 7.29 -18.70
CA ASN A 396 -11.76 7.21 -20.08
C ASN A 396 -11.89 5.87 -20.78
N PHE A 397 -11.85 4.77 -20.02
CA PHE A 397 -11.71 3.45 -20.62
C PHE A 397 -12.80 2.43 -20.27
N ALA A 398 -13.69 2.79 -19.35
CA ALA A 398 -14.66 1.83 -18.83
C ALA A 398 -15.62 1.32 -19.90
N PRO A 399 -15.64 0.00 -20.12
CA PRO A 399 -16.59 -0.67 -21.03
C PRO A 399 -18.03 -0.45 -20.55
N PRO A 400 -19.02 -0.61 -21.44
CA PRO A 400 -20.39 -0.19 -21.13
C PRO A 400 -21.17 -1.14 -20.22
N HIS A 401 -20.62 -2.33 -19.95
CA HIS A 401 -21.38 -3.37 -19.25
C HIS A 401 -20.86 -3.70 -17.85
N VAL A 402 -19.85 -2.96 -17.38
CA VAL A 402 -19.36 -3.18 -16.02
C VAL A 402 -19.64 -1.94 -15.17
N THR A 403 -19.62 -2.11 -13.85
CA THR A 403 -19.88 -1.01 -12.95
C THR A 403 -18.58 -0.32 -12.54
N LYS A 404 -18.71 0.79 -11.83
CA LYS A 404 -17.55 1.54 -11.38
C LYS A 404 -16.75 0.74 -10.35
N ASN A 405 -17.47 0.10 -9.43
CA ASN A 405 -16.85 -0.75 -8.42
C ASN A 405 -16.10 -1.92 -9.03
N SER A 406 -16.74 -2.57 -10.01
CA SER A 406 -16.15 -3.71 -10.70
CA SER A 406 -16.15 -3.71 -10.70
C SER A 406 -14.90 -3.31 -11.47
N TYR A 407 -14.96 -2.16 -12.13
CA TYR A 407 -13.85 -1.66 -12.90
C TYR A 407 -12.67 -1.30 -12.00
N PHE A 408 -12.97 -0.56 -10.93
CA PHE A 408 -11.96 -0.22 -9.94
C PHE A 408 -11.28 -1.49 -9.45
N ALA A 409 -12.09 -2.42 -8.94
CA ALA A 409 -11.61 -3.71 -8.45
C ALA A 409 -10.73 -4.42 -9.47
N ALA A 410 -11.07 -4.28 -10.75
CA ALA A 410 -10.31 -4.91 -11.82
C ALA A 410 -8.94 -4.27 -11.97
N ILE A 411 -8.91 -2.96 -12.20
CA ILE A 411 -7.66 -2.26 -12.50
C ILE A 411 -6.74 -2.06 -11.29
N LEU A 412 -7.29 -2.23 -10.08
CA LEU A 412 -6.50 -2.05 -8.87
C LEU A 412 -5.92 -3.37 -8.37
N GLY A 413 -6.42 -4.48 -8.90
CA GLY A 413 -5.89 -5.79 -8.60
C GLY A 413 -6.54 -6.46 -7.41
N HIS A 414 -7.71 -5.97 -7.03
CA HIS A 414 -8.42 -6.55 -5.89
C HIS A 414 -8.88 -7.97 -6.20
N ASN A 415 -9.21 -8.72 -5.15
CA ASN A 415 -9.66 -10.08 -5.32
C ASN A 415 -10.96 -10.17 -6.12
N ASN A 416 -11.19 -11.31 -6.75
CA ASN A 416 -12.46 -11.56 -7.41
C ASN A 416 -13.56 -11.53 -6.37
N ASN A 417 -14.74 -11.05 -6.77
CA ASN A 417 -15.90 -10.92 -5.88
C ASN A 417 -15.70 -9.91 -4.75
N ASP A 418 -14.56 -9.24 -4.76
CA ASP A 418 -14.33 -8.13 -3.85
C ASP A 418 -14.73 -6.84 -4.56
N LEU A 419 -15.77 -6.20 -4.05
CA LEU A 419 -16.25 -4.93 -4.58
C LEU A 419 -16.26 -3.90 -3.47
N GLU A 420 -15.90 -4.33 -2.26
CA GLU A 420 -15.97 -3.46 -1.10
CA GLU A 420 -15.96 -3.47 -1.09
C GLU A 420 -14.71 -2.61 -0.93
N THR A 421 -13.57 -3.12 -1.39
CA THR A 421 -12.33 -2.37 -1.27
C THR A 421 -12.32 -1.20 -2.27
N SER A 422 -13.00 -1.37 -3.39
CA SER A 422 -13.08 -0.33 -4.42
C SER A 422 -13.69 0.95 -3.86
N LEU A 423 -14.55 0.78 -2.85
CA LEU A 423 -15.21 1.91 -2.19
CA LEU A 423 -15.21 1.91 -2.19
C LEU A 423 -14.20 2.87 -1.57
N SER A 424 -13.04 2.33 -1.20
CA SER A 424 -11.99 3.12 -0.58
C SER A 424 -11.41 4.17 -1.51
N MET A 426 -13.01 5.85 -4.04
CA MET A 426 -13.95 6.82 -4.58
C MET A 426 -13.99 8.08 -3.69
N THR A 427 -13.00 8.94 -3.90
CA THR A 427 -12.83 10.14 -3.07
C THR A 427 -12.94 11.43 -3.86
N TYR A 428 -12.72 11.36 -5.18
CA TYR A 428 -12.75 12.55 -6.01
C TYR A 428 -13.93 12.57 -6.98
N THR A 429 -14.26 13.76 -7.47
CA THR A 429 -15.11 13.90 -8.63
C THR A 429 -14.45 14.85 -9.62
N LEU A 430 -14.61 14.57 -10.91
CA LEU A 430 -14.00 15.39 -11.94
C LEU A 430 -14.84 16.63 -12.20
N PRO A 431 -14.19 17.74 -12.58
CA PRO A 431 -14.90 18.99 -12.88
C PRO A 431 -15.96 18.80 -13.95
N GLU A 432 -15.66 17.94 -14.93
CA GLU A 432 -16.60 17.66 -16.01
C GLU A 432 -17.87 16.98 -15.48
N ASP A 433 -17.70 15.91 -14.72
CA ASP A 433 -18.85 15.20 -14.14
C ASP A 433 -19.68 16.12 -13.26
N ARG A 434 -18.97 16.91 -12.44
CA ARG A 434 -19.59 17.94 -11.62
C ARG A 434 -20.42 18.88 -12.49
N ASP A 435 -19.88 19.23 -13.66
CA ASP A 435 -20.58 20.14 -14.57
C ASP A 435 -21.85 19.51 -15.11
N ASN A 436 -21.72 18.41 -15.85
CA ASN A 436 -22.89 17.77 -16.44
C ASN A 436 -23.71 16.96 -15.42
N ALA A 437 -23.48 17.23 -14.14
CA ALA A 437 -24.40 16.82 -13.09
C ALA A 437 -25.16 18.05 -12.59
N LEU A 438 -24.59 19.21 -12.85
CA LEU A 438 -25.21 20.49 -12.48
C LEU A 438 -26.16 20.92 -13.58
N ALA A 439 -26.25 20.09 -14.62
CA ALA A 439 -26.99 20.40 -15.85
C ALA A 439 -28.54 20.39 -15.90
N ARG A 440 -29.26 19.57 -15.12
CA ARG A 440 -28.75 18.71 -14.06
C ARG A 440 -28.83 17.24 -14.44
#